data_5KWF
#
_entry.id   5KWF
#
_cell.length_a   51.605
_cell.length_b   74.084
_cell.length_c   63.828
_cell.angle_alpha   90.000
_cell.angle_beta   105.210
_cell.angle_gamma   90.000
#
_symmetry.space_group_name_H-M   'P 1 21 1'
#
loop_
_entity.id
_entity.type
_entity.pdbx_description
1 polymer 'Cholesterol oxidase'
2 non-polymer 'FLAVIN-ADENINE DINUCLEOTIDE'
3 water water
#
_entity_poly.entity_id   1
_entity_poly.type   'polypeptide(L)'
_entity_poly.pdbx_seq_one_letter_code
;DNGGYVPAVVIGTGYGAAVSALRLGEAGVQTLMLEMGQLWNQPGPDGNIFCGMLNPDKRSSWFKNRTEAPLGSFLWLDVV
NRNIDPYAGVLDRVNYDQMSVYVGRGVGGGSLVNGGMAVEPKRSYFEEILPRVDSSEMYDRYFPRANSMLRVNHIDTKWF
EDTEWYKFARVSREQAGKAGLGTVFVPNVYDFGYMQREAAGEVPKSALATEVIYGNNHGKQSLDKTYLAAALGTGKVTIQ
TLHQVKTIRQTKDGGYALTVEQKDTDGKLLATKEISCRYLFLGAGSLGSTELLVRARDTGTLPNLNSEVGAGWGPNGNIM
TARANHMWNPTGAHQSSIPALGIDAWDNSDSSVFAEIAPMPAGLETWVSLYLAITKNPQRGTFVYDAATDRAKLNWTRDQ
NAPAVNAAKALFDRINKANGTIYRYDLFGTQLKAFADDFCYHPLGGCVLGKATDDYGRVAGYKNLYVTDGSLIPGSVGVN
PFVTITALAERNVERIIKQDVTASHHHHHH
;
_entity_poly.pdbx_strand_id   A
#
loop_
_chem_comp.id
_chem_comp.type
_chem_comp.name
_chem_comp.formula
FAD non-polymer 'FLAVIN-ADENINE DINUCLEOTIDE' 'C27 H33 N9 O15 P2'
#
# COMPACT_ATOMS: atom_id res chain seq x y z
N GLY A 4 -22.37 2.47 21.74
CA GLY A 4 -23.32 3.55 21.52
C GLY A 4 -23.46 3.94 20.06
N TYR A 5 -24.02 5.09 19.79
CA TYR A 5 -24.38 5.52 18.46
C TYR A 5 -23.50 6.70 18.06
N VAL A 6 -23.03 6.72 16.80
CA VAL A 6 -22.30 7.87 16.20
C VAL A 6 -22.85 7.98 14.77
N PRO A 7 -23.11 9.18 14.26
CA PRO A 7 -23.65 9.30 12.92
C PRO A 7 -22.92 8.58 11.81
N ALA A 8 -21.61 8.75 11.73
CA ALA A 8 -20.82 8.10 10.69
C ALA A 8 -19.65 7.37 11.35
N VAL A 9 -19.44 6.16 10.92
CA VAL A 9 -18.27 5.34 11.29
C VAL A 9 -17.44 5.07 10.07
N VAL A 10 -16.10 5.19 10.17
CA VAL A 10 -15.17 4.84 9.13
C VAL A 10 -14.32 3.70 9.70
N ILE A 11 -14.22 2.56 9.01
CA ILE A 11 -13.42 1.43 9.44
C ILE A 11 -12.07 1.52 8.76
N GLY A 12 -10.98 1.62 9.52
CA GLY A 12 -9.63 1.80 9.01
C GLY A 12 -9.23 3.25 8.97
N THR A 13 -7.94 3.48 8.73
CA THR A 13 -7.35 4.83 8.67
C THR A 13 -6.34 4.93 7.57
N GLY A 14 -6.46 4.13 6.50
CA GLY A 14 -5.71 4.28 5.31
C GLY A 14 -6.16 5.40 4.38
N TYR A 15 -5.76 5.38 3.13
CA TYR A 15 -6.04 6.47 2.17
C TYR A 15 -7.54 6.75 1.95
N GLY A 16 -8.28 5.71 1.60
CA GLY A 16 -9.71 5.93 1.44
C GLY A 16 -10.40 6.44 2.66
N ALA A 17 -10.09 5.83 3.77
CA ALA A 17 -10.71 6.21 5.03
C ALA A 17 -10.32 7.64 5.41
N ALA A 18 -9.10 8.04 5.22
CA ALA A 18 -8.62 9.39 5.62
C ALA A 18 -9.33 10.47 4.81
N VAL A 19 -9.46 10.24 3.50
CA VAL A 19 -10.22 11.17 2.63
C VAL A 19 -11.64 11.32 3.19
N SER A 20 -12.29 10.18 3.41
CA SER A 20 -13.67 10.12 3.84
C SER A 20 -13.83 10.88 5.09
N ALA A 21 -12.99 10.65 6.09
CA ALA A 21 -13.19 11.30 7.36
C ALA A 21 -13.00 12.82 7.30
N LEU A 22 -12.01 13.27 6.54
CA LEU A 22 -11.79 14.69 6.38
C LEU A 22 -13.04 15.31 5.81
N ARG A 23 -13.52 14.77 4.70
CA ARG A 23 -14.64 15.47 4.04
C ARG A 23 -15.92 15.37 4.89
N LEU A 24 -16.16 14.25 5.62
CA LEU A 24 -17.30 14.20 6.51
C LEU A 24 -17.18 15.24 7.60
N GLY A 25 -16.00 15.42 8.17
CA GLY A 25 -15.79 16.36 9.27
C GLY A 25 -16.07 17.78 8.76
N GLU A 26 -15.59 18.10 7.58
CA GLU A 26 -15.75 19.43 6.96
C GLU A 26 -17.21 19.69 6.73
N ALA A 27 -17.99 18.65 6.45
CA ALA A 27 -19.43 18.75 6.24
C ALA A 27 -20.21 18.81 7.52
N GLY A 28 -19.56 18.69 8.66
CA GLY A 28 -20.21 18.79 9.93
C GLY A 28 -20.76 17.51 10.47
N VAL A 29 -20.34 16.35 9.93
CA VAL A 29 -20.86 15.07 10.39
C VAL A 29 -19.93 14.45 11.46
N GLN A 30 -20.43 14.17 12.62
CA GLN A 30 -19.65 13.57 13.70
C GLN A 30 -19.27 12.14 13.27
N THR A 31 -17.96 11.89 13.28
CA THR A 31 -17.39 10.72 12.66
C THR A 31 -16.43 10.04 13.63
N LEU A 32 -16.55 8.72 13.76
CA LEU A 32 -15.67 7.88 14.57
C LEU A 32 -14.90 6.98 13.58
N MET A 33 -13.57 6.95 13.66
CA MET A 33 -12.72 6.04 12.92
C MET A 33 -12.28 4.95 13.85
N LEU A 34 -12.40 3.73 13.42
CA LEU A 34 -11.88 2.56 14.15
C LEU A 34 -10.68 1.98 13.47
N GLU A 35 -9.57 1.84 14.20
CA GLU A 35 -8.31 1.34 13.65
C GLU A 35 -7.79 0.23 14.48
N MET A 36 -7.54 -0.89 13.87
CA MET A 36 -7.05 -2.09 14.63
C MET A 36 -5.63 -1.94 15.16
N GLY A 37 -4.78 -1.19 14.48
CA GLY A 37 -3.45 -0.94 14.95
C GLY A 37 -3.33 0.25 15.89
N GLN A 38 -2.08 0.58 16.18
CA GLN A 38 -1.72 1.65 17.10
C GLN A 38 -1.67 3.02 16.45
N LEU A 39 -1.77 4.05 17.26
CA LEU A 39 -1.30 5.43 16.95
C LEU A 39 0.21 5.45 17.23
N TRP A 40 1.01 5.74 16.20
CA TRP A 40 2.48 5.66 16.30
C TRP A 40 3.08 6.99 16.72
N ASN A 41 3.02 7.26 18.02
CA ASN A 41 3.56 8.52 18.54
C ASN A 41 4.25 8.38 19.87
N GLN A 42 4.62 7.16 20.27
CA GLN A 42 5.31 6.95 21.58
C GLN A 42 6.73 6.47 21.34
N PRO A 43 7.71 7.22 21.83
CA PRO A 43 9.09 6.70 21.73
C PRO A 43 9.23 5.30 22.30
N GLY A 44 9.99 4.48 21.62
CA GLY A 44 10.24 3.11 22.04
C GLY A 44 11.58 3.08 22.81
N PRO A 45 12.11 1.88 22.98
CA PRO A 45 13.25 1.68 23.91
C PRO A 45 14.52 2.33 23.42
N ASP A 46 14.56 2.70 22.12
CA ASP A 46 15.72 3.38 21.53
C ASP A 46 15.47 4.91 21.39
N GLY A 47 14.40 5.41 21.94
CA GLY A 47 14.05 6.82 21.86
C GLY A 47 13.40 7.20 20.55
N ASN A 48 13.25 6.22 19.65
CA ASN A 48 12.63 6.45 18.36
C ASN A 48 11.22 5.82 18.31
N ILE A 49 10.33 6.34 17.48
CA ILE A 49 9.01 5.72 17.31
C ILE A 49 9.08 4.39 16.59
N PHE A 50 9.76 4.38 15.44
CA PHE A 50 9.89 3.24 14.59
C PHE A 50 11.30 2.62 14.61
N CYS A 51 11.34 1.32 14.38
CA CYS A 51 12.64 0.68 14.16
C CYS A 51 13.09 0.82 12.73
N GLY A 52 14.41 0.81 12.52
CA GLY A 52 14.96 0.80 11.21
C GLY A 52 15.13 -0.59 10.63
N MET A 53 15.58 -0.70 9.40
CA MET A 53 15.68 -1.98 8.77
C MET A 53 16.91 -2.76 9.26
N LEU A 54 17.90 -2.06 9.78
CA LEU A 54 19.05 -2.75 10.39
C LEU A 54 18.87 -3.08 11.85
N ASN A 55 17.83 -2.61 12.55
CA ASN A 55 17.62 -2.89 13.91
C ASN A 55 16.17 -3.22 14.18
N PRO A 56 15.63 -4.25 13.47
CA PRO A 56 14.22 -4.58 13.69
C PRO A 56 13.97 -5.12 15.05
N ASP A 57 12.84 -4.86 15.64
CA ASP A 57 12.40 -5.42 16.91
C ASP A 57 10.92 -5.67 16.84
N LYS A 58 10.24 -5.79 17.94
CA LYS A 58 8.85 -6.17 17.95
C LYS A 58 7.98 -5.10 17.24
N ARG A 59 8.45 -3.86 17.21
CA ARG A 59 7.71 -2.80 16.49
C ARG A 59 7.60 -3.05 15.01
N SER A 60 8.39 -3.92 14.45
CA SER A 60 8.45 -4.16 13.03
C SER A 60 7.25 -4.94 12.55
N SER A 61 6.64 -5.77 13.36
CA SER A 61 5.82 -6.88 12.88
C SER A 61 4.56 -6.99 13.64
N TRP A 62 3.47 -7.32 12.93
CA TRP A 62 2.19 -7.56 13.51
C TRP A 62 2.05 -9.01 13.92
N PHE A 63 2.14 -9.19 15.21
CA PHE A 63 1.91 -10.53 15.84
C PHE A 63 2.71 -11.67 15.24
N LYS A 64 4.02 -11.47 15.07
CA LYS A 64 4.94 -12.57 14.68
C LYS A 64 5.93 -12.82 15.80
N ASN A 65 6.62 -13.97 15.78
CA ASN A 65 7.57 -14.29 16.81
C ASN A 65 9.01 -14.18 16.35
N ARG A 66 9.23 -13.72 15.13
CA ARG A 66 10.60 -13.48 14.64
C ARG A 66 10.55 -12.43 13.55
N THR A 67 11.50 -11.54 13.57
CA THR A 67 11.63 -10.53 12.51
C THR A 67 12.01 -11.21 11.21
N GLU A 68 11.82 -10.54 10.07
CA GLU A 68 12.16 -11.01 8.79
C GLU A 68 12.83 -9.99 7.98
N ALA A 69 13.69 -10.39 7.03
CA ALA A 69 14.38 -9.46 6.20
C ALA A 69 13.48 -8.96 5.09
N PRO A 70 13.64 -7.70 4.71
CA PRO A 70 12.80 -7.21 3.60
C PRO A 70 13.14 -7.98 2.32
N LEU A 71 12.14 -8.29 1.50
CA LEU A 71 12.34 -9.06 0.28
C LEU A 71 13.45 -8.45 -0.58
N GLY A 72 14.41 -9.31 -0.95
CA GLY A 72 15.51 -8.90 -1.75
C GLY A 72 16.79 -8.85 -0.94
N SER A 73 16.68 -8.78 0.39
CA SER A 73 17.82 -8.44 1.20
C SER A 73 18.26 -9.51 2.18
N PHE A 74 17.61 -10.67 2.16
CA PHE A 74 17.92 -11.79 3.05
C PHE A 74 19.44 -12.09 3.17
N LEU A 75 20.17 -12.08 2.06
CA LEU A 75 21.55 -12.50 2.10
C LEU A 75 22.37 -11.61 3.05
N TRP A 76 21.99 -10.36 3.22
CA TRP A 76 22.75 -9.36 4.02
C TRP A 76 22.07 -9.02 5.31
N LEU A 77 20.74 -9.07 5.34
CA LEU A 77 20.00 -8.62 6.52
C LEU A 77 19.48 -9.72 7.44
N ASP A 78 19.61 -10.99 7.07
CA ASP A 78 19.20 -12.03 7.97
C ASP A 78 20.03 -12.03 9.26
N VAL A 79 21.23 -11.49 9.20
CA VAL A 79 22.13 -11.47 10.37
C VAL A 79 21.54 -10.60 11.47
N VAL A 80 20.64 -9.66 11.16
CA VAL A 80 20.12 -8.81 12.23
C VAL A 80 18.77 -9.27 12.73
N ASN A 81 18.23 -10.34 12.20
CA ASN A 81 16.99 -10.84 12.69
C ASN A 81 17.04 -11.43 14.07
N ARG A 82 15.97 -11.30 14.82
CA ARG A 82 15.88 -11.77 16.17
C ARG A 82 14.48 -12.28 16.50
N ASN A 83 14.41 -13.13 17.51
CA ASN A 83 13.13 -13.49 18.09
C ASN A 83 12.52 -12.33 18.79
N ILE A 84 11.19 -12.21 18.64
CA ILE A 84 10.45 -11.14 19.27
C ILE A 84 9.14 -11.64 19.92
N ASP A 85 8.64 -10.86 20.87
CA ASP A 85 7.33 -11.07 21.42
C ASP A 85 6.27 -10.65 20.37
N PRO A 86 5.21 -11.45 20.18
CA PRO A 86 4.08 -10.99 19.35
C PRO A 86 3.51 -9.70 19.94
N TYR A 87 3.36 -8.72 19.05
CA TYR A 87 3.13 -7.34 19.41
C TYR A 87 2.39 -6.69 18.24
N ALA A 88 1.67 -5.62 18.57
CA ALA A 88 0.91 -4.83 17.55
C ALA A 88 1.82 -3.89 16.79
N GLY A 89 2.77 -4.48 16.09
CA GLY A 89 3.71 -3.80 15.23
C GLY A 89 3.16 -3.31 13.92
N VAL A 90 4.01 -2.71 13.09
CA VAL A 90 3.46 -1.89 12.00
C VAL A 90 3.21 -2.61 10.68
N LEU A 91 3.98 -3.67 10.41
CA LEU A 91 3.98 -4.34 9.12
C LEU A 91 3.43 -5.71 9.27
N ASP A 92 2.39 -6.08 8.54
CA ASP A 92 1.82 -7.39 8.57
C ASP A 92 2.01 -8.05 7.26
N ARG A 93 2.64 -9.21 7.31
CA ARG A 93 2.74 -10.15 6.19
C ARG A 93 1.61 -11.16 6.35
N VAL A 94 0.60 -11.06 5.48
CA VAL A 94 -0.55 -11.93 5.48
C VAL A 94 -0.38 -13.06 4.51
N ASN A 95 -0.32 -14.29 5.03
CA ASN A 95 0.02 -15.44 4.20
C ASN A 95 -1.21 -16.19 3.77
N TYR A 96 -1.41 -16.25 2.48
CA TYR A 96 -2.40 -17.12 1.86
C TYR A 96 -1.70 -18.30 1.26
N ASP A 97 -2.44 -19.22 0.65
CA ASP A 97 -1.80 -20.45 0.23
C ASP A 97 -0.61 -20.22 -0.71
N GLN A 98 -0.75 -19.37 -1.72
CA GLN A 98 0.28 -19.15 -2.73
C GLN A 98 0.56 -17.66 -3.00
N MET A 99 0.34 -16.88 -1.95
CA MET A 99 0.54 -15.42 -2.04
C MET A 99 0.72 -14.85 -0.68
N SER A 100 1.71 -14.00 -0.48
CA SER A 100 1.91 -13.28 0.76
C SER A 100 1.68 -11.78 0.50
N VAL A 101 0.77 -11.17 1.24
CA VAL A 101 0.46 -9.76 1.06
C VAL A 101 0.97 -8.96 2.20
N TYR A 102 1.63 -7.87 1.93
CA TYR A 102 2.19 -6.98 2.95
C TYR A 102 1.33 -5.74 3.11
N VAL A 103 0.83 -5.51 4.31
CA VAL A 103 -0.02 -4.38 4.58
C VAL A 103 0.47 -3.67 5.89
N GLY A 104 0.24 -2.37 5.97
CA GLY A 104 0.44 -1.62 7.20
C GLY A 104 -0.71 -1.74 8.15
N ARG A 105 -0.38 -1.66 9.42
CA ARG A 105 -1.33 -1.66 10.51
C ARG A 105 -1.01 -0.54 11.49
N GLY A 106 -1.95 0.42 11.60
CA GLY A 106 -1.75 1.57 12.47
C GLY A 106 -2.55 2.75 11.93
N VAL A 107 -2.52 3.85 12.67
CA VAL A 107 -3.19 5.09 12.26
C VAL A 107 -2.43 5.63 11.06
N GLY A 108 -3.02 5.61 9.89
CA GLY A 108 -2.36 5.88 8.63
C GLY A 108 -2.23 4.71 7.72
N GLY A 109 -2.51 3.48 8.18
CA GLY A 109 -2.50 2.34 7.35
C GLY A 109 -1.19 2.17 6.57
N GLY A 110 -1.24 1.83 5.29
CA GLY A 110 -0.01 1.59 4.51
C GLY A 110 0.84 2.82 4.33
N SER A 111 0.33 4.01 4.60
CA SER A 111 1.16 5.20 4.49
C SER A 111 2.27 5.18 5.47
N LEU A 112 2.17 4.38 6.52
CA LEU A 112 3.25 4.31 7.51
C LEU A 112 4.46 3.61 6.96
N VAL A 113 4.25 2.57 6.12
CA VAL A 113 5.29 1.61 5.72
C VAL A 113 5.67 1.68 4.25
N ASN A 114 5.02 2.55 3.45
CA ASN A 114 5.28 2.57 2.04
C ASN A 114 6.42 3.48 1.67
N GLY A 115 6.82 3.37 0.39
CA GLY A 115 7.98 4.12 -0.11
C GLY A 115 7.64 5.52 -0.61
N GLY A 116 6.42 5.96 -0.41
CA GLY A 116 6.02 7.32 -0.68
C GLY A 116 5.79 7.65 -2.11
N MET A 117 5.94 6.74 -3.05
CA MET A 117 5.91 7.05 -4.47
C MET A 117 4.49 7.40 -4.86
N ALA A 118 4.28 8.62 -5.41
CA ALA A 118 2.97 9.25 -5.64
C ALA A 118 2.85 9.54 -7.12
N VAL A 119 2.20 8.64 -7.87
CA VAL A 119 2.24 8.58 -9.32
C VAL A 119 0.77 8.48 -9.79
N GLU A 120 0.39 9.28 -10.81
CA GLU A 120 -0.90 9.11 -11.51
C GLU A 120 -0.79 8.07 -12.58
N PRO A 121 -1.87 7.30 -12.78
CA PRO A 121 -1.84 6.34 -13.84
C PRO A 121 -1.96 7.02 -15.20
N LYS A 122 -1.58 6.29 -16.20
CA LYS A 122 -1.72 6.84 -17.54
C LYS A 122 -3.20 6.92 -17.85
N ARG A 123 -3.64 8.04 -18.42
CA ARG A 123 -5.07 8.24 -18.68
C ARG A 123 -5.69 7.17 -19.55
N SER A 124 -4.99 6.80 -20.61
CA SER A 124 -5.47 5.75 -21.46
C SER A 124 -5.69 4.41 -20.79
N TYR A 125 -4.89 4.12 -19.76
CA TYR A 125 -5.09 2.88 -19.05
C TYR A 125 -6.25 3.04 -18.04
N PHE A 126 -6.37 4.18 -17.41
CA PHE A 126 -7.47 4.46 -16.49
C PHE A 126 -8.76 4.24 -17.25
N GLU A 127 -8.80 4.76 -18.49
CA GLU A 127 -10.04 4.61 -19.29
C GLU A 127 -10.39 3.16 -19.63
N GLU A 128 -9.38 2.34 -19.86
CA GLU A 128 -9.53 0.91 -20.11
C GLU A 128 -10.06 0.15 -18.90
N ILE A 129 -9.56 0.47 -17.70
CA ILE A 129 -9.87 -0.29 -16.51
C ILE A 129 -11.21 0.09 -15.86
N LEU A 130 -11.61 1.36 -16.00
CA LEU A 130 -12.82 1.92 -15.35
C LEU A 130 -13.63 2.75 -16.39
N PRO A 131 -14.15 2.04 -17.42
CA PRO A 131 -14.80 2.71 -18.55
C PRO A 131 -16.06 3.44 -18.14
N ARG A 132 -16.66 3.10 -17.01
CA ARG A 132 -17.86 3.81 -16.57
C ARG A 132 -17.63 5.16 -15.88
N VAL A 133 -16.36 5.46 -15.53
CA VAL A 133 -16.01 6.66 -14.82
C VAL A 133 -15.61 7.77 -15.82
N ASP A 134 -15.99 8.99 -15.50
CA ASP A 134 -15.62 10.11 -16.37
C ASP A 134 -14.19 10.50 -16.05
N SER A 135 -13.30 10.20 -16.96
CA SER A 135 -11.87 10.42 -16.74
C SER A 135 -11.51 11.87 -16.75
N SER A 136 -12.27 12.72 -17.42
CA SER A 136 -11.95 14.14 -17.39
C SER A 136 -12.01 14.76 -15.99
N GLU A 137 -13.04 14.47 -15.23
CA GLU A 137 -13.17 15.00 -13.90
C GLU A 137 -12.01 14.46 -13.00
N MET A 138 -11.59 13.23 -13.23
CA MET A 138 -10.49 12.65 -12.43
C MET A 138 -9.21 13.43 -12.70
N TYR A 139 -8.88 13.62 -13.99
CA TYR A 139 -7.61 14.31 -14.33
C TYR A 139 -7.63 15.82 -14.13
N ASP A 140 -8.78 16.45 -14.24
CA ASP A 140 -8.88 17.88 -14.08
C ASP A 140 -9.11 18.32 -12.64
N ARG A 141 -9.73 17.47 -11.85
CA ARG A 141 -10.14 17.90 -10.54
C ARG A 141 -9.65 17.01 -9.41
N TYR A 142 -9.82 15.69 -9.48
CA TYR A 142 -9.58 14.89 -8.29
C TYR A 142 -8.15 14.46 -8.12
N PHE A 143 -7.42 14.14 -9.19
CA PHE A 143 -5.99 13.92 -9.08
C PHE A 143 -5.25 15.15 -8.56
N PRO A 144 -5.52 16.33 -9.11
CA PRO A 144 -4.77 17.45 -8.56
C PRO A 144 -5.12 17.74 -7.07
N ARG A 145 -6.36 17.53 -6.62
CA ARG A 145 -6.74 17.66 -5.23
C ARG A 145 -5.95 16.70 -4.36
N ALA A 146 -5.90 15.45 -4.76
CA ALA A 146 -5.10 14.42 -4.06
C ALA A 146 -3.64 14.79 -3.91
N ASN A 147 -3.01 15.18 -4.98
CA ASN A 147 -1.60 15.52 -4.95
C ASN A 147 -1.35 16.65 -4.01
N SER A 148 -2.20 17.67 -4.02
CA SER A 148 -2.01 18.79 -3.12
C SER A 148 -2.19 18.40 -1.67
N MET A 149 -3.24 17.66 -1.36
CA MET A 149 -3.51 17.28 0.03
C MET A 149 -2.46 16.29 0.60
N LEU A 150 -1.92 15.44 -0.25
CA LEU A 150 -0.92 14.42 0.14
C LEU A 150 0.43 15.04 0.39
N ARG A 151 0.64 16.27 -0.06
CA ARG A 151 1.92 16.98 0.05
C ARG A 151 2.96 16.31 -0.85
N VAL A 152 2.57 15.95 -2.06
CA VAL A 152 3.49 15.42 -3.07
C VAL A 152 4.51 16.48 -3.42
N ASN A 153 5.78 16.06 -3.59
CA ASN A 153 6.84 17.00 -3.94
C ASN A 153 7.83 16.25 -4.87
N HIS A 154 8.73 17.03 -5.45
CA HIS A 154 9.61 16.57 -6.51
C HIS A 154 11.05 16.76 -6.06
N ILE A 155 11.91 15.81 -6.45
CA ILE A 155 13.32 15.85 -6.08
C ILE A 155 14.02 16.95 -6.88
N ASP A 156 15.04 17.53 -6.27
CA ASP A 156 15.89 18.49 -6.98
C ASP A 156 16.82 17.69 -7.90
N THR A 157 16.74 17.94 -9.19
CA THR A 157 17.43 17.08 -10.12
C THR A 157 18.95 17.27 -10.06
N LYS A 158 19.40 18.46 -9.73
CA LYS A 158 20.84 18.70 -9.65
C LYS A 158 21.44 17.89 -8.46
N TRP A 159 20.78 17.99 -7.32
CA TRP A 159 21.16 17.22 -6.16
C TRP A 159 21.16 15.70 -6.46
N PHE A 160 20.11 15.23 -7.10
CA PHE A 160 20.01 13.84 -7.50
C PHE A 160 21.22 13.36 -8.33
N GLU A 161 21.66 14.21 -9.27
CA GLU A 161 22.76 13.82 -10.17
C GLU A 161 24.08 13.69 -9.43
N ASP A 162 24.21 14.45 -8.39
CA ASP A 162 25.49 14.56 -7.64
C ASP A 162 25.63 13.67 -6.42
N THR A 163 24.51 13.37 -5.76
CA THR A 163 24.62 12.71 -4.49
C THR A 163 24.95 11.25 -4.55
N GLU A 164 25.79 10.83 -3.63
CA GLU A 164 26.14 9.42 -3.54
C GLU A 164 24.94 8.54 -3.20
N TRP A 165 23.97 9.14 -2.53
CA TRP A 165 22.82 8.37 -2.05
C TRP A 165 21.94 7.84 -3.20
N TYR A 166 22.06 8.40 -4.41
CA TYR A 166 21.31 7.96 -5.56
C TYR A 166 22.16 7.36 -6.68
N LYS A 167 23.39 6.99 -6.32
CA LYS A 167 24.22 6.29 -7.34
C LYS A 167 23.50 5.07 -7.88
N PHE A 168 22.80 4.36 -7.01
CA PHE A 168 22.21 3.08 -7.44
C PHE A 168 21.20 3.36 -8.55
N ALA A 169 20.49 4.48 -8.49
CA ALA A 169 19.49 4.83 -9.50
C ALA A 169 20.14 5.25 -10.79
N ARG A 170 21.23 5.99 -10.69
CA ARG A 170 21.96 6.40 -11.90
C ARG A 170 22.55 5.24 -12.64
N VAL A 171 23.02 4.24 -11.94
CA VAL A 171 23.60 3.08 -12.59
C VAL A 171 22.48 2.38 -13.40
N SER A 172 21.32 2.18 -12.78
CA SER A 172 20.22 1.58 -13.55
C SER A 172 19.69 2.40 -14.70
N ARG A 173 19.67 3.71 -14.58
CA ARG A 173 19.24 4.60 -15.67
C ARG A 173 20.20 4.41 -16.85
N GLU A 174 21.49 4.39 -16.57
CA GLU A 174 22.47 4.14 -17.66
C GLU A 174 22.28 2.80 -18.35
N GLN A 175 22.10 1.75 -17.55
CA GLN A 175 21.97 0.41 -18.08
C GLN A 175 20.69 0.27 -18.92
N ALA A 176 19.61 0.81 -18.40
CA ALA A 176 18.35 0.82 -19.19
C ALA A 176 18.52 1.62 -20.45
N GLY A 177 19.31 2.68 -20.40
CA GLY A 177 19.45 3.57 -21.53
C GLY A 177 20.10 2.84 -22.68
N LYS A 178 21.04 1.97 -22.37
CA LYS A 178 21.72 1.18 -23.37
C LYS A 178 20.79 0.28 -24.14
N ALA A 179 19.64 -0.05 -23.54
CA ALA A 179 18.71 -0.99 -24.11
C ALA A 179 17.54 -0.17 -24.78
N GLY A 180 17.66 1.13 -24.77
CA GLY A 180 16.69 2.00 -25.39
C GLY A 180 15.50 2.38 -24.55
N LEU A 181 15.62 2.20 -23.24
CA LEU A 181 14.44 2.38 -22.36
C LEU A 181 14.63 3.66 -21.60
N GLY A 182 13.53 4.32 -21.31
CA GLY A 182 13.62 5.61 -20.68
C GLY A 182 13.26 5.55 -19.22
N THR A 183 13.75 6.50 -18.44
CA THR A 183 13.41 6.54 -17.01
C THR A 183 12.65 7.80 -16.75
N VAL A 184 11.90 7.82 -15.64
CA VAL A 184 11.14 8.97 -15.23
C VAL A 184 11.36 9.22 -13.74
N PHE A 185 11.40 10.48 -13.33
CA PHE A 185 11.45 10.86 -11.92
C PHE A 185 10.04 10.65 -11.39
N VAL A 186 9.97 10.13 -10.20
CA VAL A 186 8.68 9.82 -9.56
C VAL A 186 8.52 10.71 -8.32
N PRO A 187 7.41 11.46 -8.23
CA PRO A 187 7.14 12.32 -7.09
C PRO A 187 6.92 11.49 -5.83
N ASN A 188 7.01 12.11 -4.71
CA ASN A 188 6.95 11.39 -3.42
C ASN A 188 6.35 12.23 -2.38
N VAL A 189 5.94 11.63 -1.26
CA VAL A 189 5.45 12.34 -0.09
C VAL A 189 6.58 12.48 0.97
N TYR A 190 7.73 11.86 0.76
CA TYR A 190 8.88 12.13 1.59
C TYR A 190 9.38 13.53 1.18
N ASP A 191 9.67 14.36 2.16
CA ASP A 191 10.17 15.76 1.89
C ASP A 191 11.58 15.73 1.35
N PHE A 192 11.72 16.03 0.08
CA PHE A 192 13.05 15.97 -0.57
C PHE A 192 13.95 17.07 -0.08
N GLY A 193 13.38 18.16 0.40
CA GLY A 193 14.20 19.23 1.00
C GLY A 193 14.86 18.71 2.26
N TYR A 194 14.06 18.05 3.10
CA TYR A 194 14.52 17.39 4.32
C TYR A 194 15.62 16.38 3.97
N MET A 195 15.42 15.60 2.92
CA MET A 195 16.41 14.64 2.49
C MET A 195 17.77 15.31 2.15
N GLN A 196 17.74 16.41 1.41
CA GLN A 196 18.97 17.16 1.16
C GLN A 196 19.70 17.51 2.44
N ARG A 197 18.95 17.95 3.44
CA ARG A 197 19.52 18.32 4.73
C ARG A 197 20.02 17.13 5.51
N GLU A 198 19.37 15.96 5.37
CA GLU A 198 19.97 14.75 5.93
C GLU A 198 21.31 14.45 5.40
N ALA A 199 21.48 14.61 4.11
CA ALA A 199 22.73 14.22 3.44
C ALA A 199 23.86 15.17 3.92
N ALA A 200 23.48 16.39 4.25
CA ALA A 200 24.47 17.40 4.70
C ALA A 200 24.73 17.31 6.18
N GLY A 201 24.13 16.36 6.90
CA GLY A 201 24.34 16.23 8.33
C GLY A 201 23.68 17.23 9.21
N GLU A 202 22.65 17.87 8.66
CA GLU A 202 21.98 18.99 9.33
C GLU A 202 20.76 18.67 10.14
N VAL A 203 20.14 17.53 9.88
CA VAL A 203 18.95 17.12 10.61
C VAL A 203 19.01 15.60 10.79
N PRO A 204 18.25 15.04 11.72
CA PRO A 204 18.25 13.58 11.97
C PRO A 204 17.90 12.81 10.68
N LYS A 205 18.68 11.75 10.40
CA LYS A 205 18.46 10.92 9.19
C LYS A 205 17.28 9.95 9.41
N SER A 206 16.62 9.68 8.29
CA SER A 206 15.59 8.67 8.25
C SER A 206 15.73 7.87 6.93
N ALA A 207 15.37 8.44 5.82
CA ALA A 207 15.65 7.83 4.50
C ALA A 207 17.11 7.46 4.32
N LEU A 208 18.02 8.28 4.88
CA LEU A 208 19.45 8.00 4.76
C LEU A 208 19.99 7.24 5.92
N ALA A 209 19.12 6.67 6.77
CA ALA A 209 19.48 5.79 7.88
C ALA A 209 18.73 4.43 7.79
N THR A 210 18.50 3.99 6.57
CA THR A 210 17.91 2.68 6.33
C THR A 210 16.60 2.48 7.04
N GLU A 211 15.72 3.48 6.95
CA GLU A 211 14.33 3.41 7.41
C GLU A 211 13.38 3.57 6.28
N VAL A 212 12.37 2.70 6.22
CA VAL A 212 11.19 2.98 5.37
C VAL A 212 10.05 1.97 5.64
N ILE A 213 10.39 0.68 5.64
CA ILE A 213 9.35 -0.38 5.57
C ILE A 213 8.74 -0.65 6.95
N TYR A 214 9.40 -0.23 8.04
CA TYR A 214 8.84 -0.26 9.37
C TYR A 214 8.52 1.14 9.88
N GLY A 215 8.37 2.12 8.98
CA GLY A 215 8.11 3.49 9.31
C GLY A 215 9.33 4.37 9.17
N ASN A 216 9.08 5.64 9.09
CA ASN A 216 10.14 6.66 8.99
C ASN A 216 9.97 7.58 10.19
N ASN A 217 11.06 7.67 10.98
CA ASN A 217 11.04 8.58 12.14
C ASN A 217 11.03 10.07 11.76
N HIS A 218 11.40 10.38 10.52
CA HIS A 218 11.45 11.78 10.04
C HIS A 218 11.17 11.76 8.56
N GLY A 219 10.74 12.91 8.04
CA GLY A 219 10.76 13.16 6.65
C GLY A 219 9.53 12.77 5.85
N LYS A 220 8.92 11.66 6.17
CA LYS A 220 7.84 11.09 5.35
C LYS A 220 6.48 11.60 5.76
N GLN A 221 5.75 12.22 4.83
CA GLN A 221 4.47 12.80 5.18
C GLN A 221 3.42 11.72 5.02
N SER A 222 3.33 10.85 6.00
CA SER A 222 2.27 9.82 6.07
C SER A 222 0.97 10.49 6.44
N LEU A 223 -0.10 9.70 6.36
CA LEU A 223 -1.45 10.30 6.49
C LEU A 223 -1.80 10.89 7.80
N ASP A 224 -1.13 10.47 8.86
CA ASP A 224 -1.31 11.06 10.16
C ASP A 224 -0.88 12.59 10.14
N LYS A 225 0.07 12.96 9.29
CA LYS A 225 0.51 14.33 9.14
C LYS A 225 -0.35 15.16 8.19
N THR A 226 -1.08 14.50 7.29
CA THR A 226 -1.79 15.21 6.21
C THR A 226 -3.28 15.11 6.39
N TYR A 227 -3.95 14.19 5.69
CA TYR A 227 -5.39 14.09 5.79
C TYR A 227 -5.91 13.91 7.20
N LEU A 228 -5.28 13.03 7.98
CA LEU A 228 -5.78 12.76 9.31
C LEU A 228 -5.64 13.89 10.27
N ALA A 229 -4.53 14.59 10.20
CA ALA A 229 -4.37 15.77 10.99
C ALA A 229 -5.47 16.81 10.69
N ALA A 230 -5.71 17.00 9.43
CA ALA A 230 -6.78 17.94 8.96
C ALA A 230 -8.11 17.46 9.46
N ALA A 231 -8.36 16.15 9.41
CA ALA A 231 -9.68 15.64 9.87
C ALA A 231 -9.89 15.87 11.34
N LEU A 232 -8.83 15.57 12.15
CA LEU A 232 -8.88 15.83 13.60
C LEU A 232 -9.10 17.34 13.88
N GLY A 233 -8.55 18.17 13.07
CA GLY A 233 -8.64 19.63 13.19
C GLY A 233 -10.05 20.12 12.95
N THR A 234 -10.95 19.33 12.37
CA THR A 234 -12.35 19.82 12.09
C THR A 234 -13.11 19.82 13.42
N GLY A 235 -12.67 19.11 14.45
CA GLY A 235 -13.40 18.95 15.67
C GLY A 235 -14.52 17.94 15.67
N LYS A 236 -14.65 17.26 14.55
CA LYS A 236 -15.83 16.39 14.32
C LYS A 236 -15.41 14.91 14.18
N VAL A 237 -14.10 14.64 14.25
CA VAL A 237 -13.55 13.30 13.99
C VAL A 237 -12.78 12.84 15.20
N THR A 238 -13.02 11.59 15.60
CA THR A 238 -12.33 10.90 16.70
C THR A 238 -11.76 9.60 16.14
N ILE A 239 -10.58 9.21 16.55
CA ILE A 239 -10.00 7.95 16.19
C ILE A 239 -9.81 7.03 17.40
N GLN A 240 -10.32 5.82 17.37
CA GLN A 240 -10.12 4.84 18.42
C GLN A 240 -9.18 3.75 17.87
N THR A 241 -8.11 3.48 18.59
CA THR A 241 -7.10 2.56 18.15
C THR A 241 -7.19 1.23 18.86
N LEU A 242 -6.51 0.23 18.34
CA LEU A 242 -6.53 -1.16 18.84
C LEU A 242 -7.98 -1.67 18.92
N HIS A 243 -8.81 -1.21 17.99
CA HIS A 243 -10.24 -1.59 17.89
C HIS A 243 -10.40 -2.23 16.51
N GLN A 244 -10.62 -3.54 16.51
CA GLN A 244 -10.81 -4.32 15.31
C GLN A 244 -12.29 -4.63 15.07
N VAL A 245 -12.86 -4.17 13.98
CA VAL A 245 -14.23 -4.53 13.62
C VAL A 245 -14.27 -5.96 13.15
N LYS A 246 -15.22 -6.75 13.70
CA LYS A 246 -15.39 -8.13 13.36
C LYS A 246 -16.64 -8.37 12.52
N THR A 247 -17.80 -7.85 12.90
CA THR A 247 -18.99 -8.13 12.16
C THR A 247 -19.75 -6.83 11.90
N ILE A 248 -20.52 -6.87 10.85
CA ILE A 248 -21.39 -5.76 10.38
C ILE A 248 -22.80 -6.33 10.16
N ARG A 249 -23.85 -5.69 10.66
CA ARG A 249 -25.23 -6.06 10.39
C ARG A 249 -26.04 -4.79 10.22
N GLN A 250 -27.19 -4.92 9.55
CA GLN A 250 -28.15 -3.85 9.37
C GLN A 250 -29.16 -4.00 10.50
N THR A 251 -29.44 -2.91 11.20
CA THR A 251 -30.41 -2.89 12.25
C THR A 251 -31.82 -2.90 11.51
N LYS A 252 -32.87 -3.15 12.26
CA LYS A 252 -34.19 -3.32 11.61
C LYS A 252 -34.70 -2.08 10.87
N ASP A 253 -34.21 -0.92 11.28
CA ASP A 253 -34.59 0.37 10.73
C ASP A 253 -33.59 0.93 9.77
N GLY A 254 -32.62 0.13 9.34
CA GLY A 254 -31.76 0.52 8.24
C GLY A 254 -30.44 1.17 8.60
N GLY A 255 -30.14 1.38 9.89
CA GLY A 255 -28.78 1.73 10.28
C GLY A 255 -27.87 0.51 10.33
N TYR A 256 -26.63 0.67 10.83
CA TYR A 256 -25.68 -0.43 10.91
C TYR A 256 -25.20 -0.59 12.31
N ALA A 257 -24.92 -1.82 12.72
CA ALA A 257 -24.32 -2.11 14.01
C ALA A 257 -23.10 -2.99 13.79
N LEU A 258 -22.05 -2.66 14.51
CA LEU A 258 -20.74 -3.34 14.37
C LEU A 258 -20.38 -3.98 15.68
N THR A 259 -19.80 -5.18 15.66
CA THR A 259 -19.15 -5.69 16.84
C THR A 259 -17.63 -5.46 16.68
N VAL A 260 -17.04 -4.96 17.74
CA VAL A 260 -15.67 -4.44 17.74
C VAL A 260 -14.91 -5.01 18.91
N GLU A 261 -13.75 -5.60 18.68
CA GLU A 261 -12.89 -6.06 19.75
C GLU A 261 -11.84 -5.03 20.10
N GLN A 262 -11.72 -4.68 21.36
CA GLN A 262 -10.65 -3.79 21.85
C GLN A 262 -9.59 -4.70 22.42
N LYS A 263 -8.36 -4.54 21.96
CA LYS A 263 -7.25 -5.31 22.44
C LYS A 263 -6.17 -4.43 23.01
N ASP A 264 -5.24 -5.02 23.79
CA ASP A 264 -4.02 -4.26 24.15
C ASP A 264 -2.89 -4.59 23.15
N THR A 265 -1.73 -4.00 23.35
CA THR A 265 -0.65 -4.13 22.36
C THR A 265 -0.01 -5.49 22.37
N ASP A 266 -0.31 -6.29 23.38
CA ASP A 266 0.09 -7.69 23.41
C ASP A 266 -0.94 -8.65 22.85
N GLY A 267 -2.06 -8.13 22.34
CA GLY A 267 -3.05 -8.95 21.68
C GLY A 267 -4.14 -9.51 22.59
N LYS A 268 -4.16 -9.07 23.84
CA LYS A 268 -5.16 -9.53 24.80
C LYS A 268 -6.49 -8.83 24.59
N LEU A 269 -7.57 -9.60 24.59
CA LEU A 269 -8.92 -9.04 24.52
C LEU A 269 -9.31 -8.32 25.76
N LEU A 270 -9.58 -7.01 25.68
CA LEU A 270 -10.05 -6.22 26.80
C LEU A 270 -11.56 -6.09 26.87
N ALA A 271 -12.21 -5.90 25.72
CA ALA A 271 -13.66 -5.61 25.68
C ALA A 271 -14.17 -5.94 24.29
N THR A 272 -15.43 -6.36 24.18
CA THR A 272 -16.13 -6.47 22.94
C THR A 272 -17.24 -5.42 23.06
N LYS A 273 -17.35 -4.57 22.06
CA LYS A 273 -18.25 -3.41 22.09
C LYS A 273 -19.17 -3.52 20.89
N GLU A 274 -20.34 -2.92 21.00
CA GLU A 274 -21.25 -2.76 19.87
C GLU A 274 -21.41 -1.26 19.59
N ILE A 275 -21.20 -0.87 18.33
CA ILE A 275 -21.31 0.53 17.92
C ILE A 275 -22.33 0.58 16.82
N SER A 276 -23.27 1.54 16.81
CA SER A 276 -24.22 1.67 15.73
C SER A 276 -24.01 3.03 15.09
N CYS A 277 -24.48 3.13 13.85
CA CYS A 277 -24.30 4.35 13.09
C CYS A 277 -25.35 4.45 12.00
N ARG A 278 -25.42 5.61 11.36
CA ARG A 278 -26.27 5.83 10.20
C ARG A 278 -25.55 5.58 8.90
N TYR A 279 -24.32 6.10 8.78
CA TYR A 279 -23.54 5.98 7.56
C TYR A 279 -22.28 5.20 7.89
N LEU A 280 -22.00 4.21 7.08
CA LEU A 280 -20.84 3.30 7.36
C LEU A 280 -19.95 3.28 6.16
N PHE A 281 -18.69 3.69 6.38
CA PHE A 281 -17.65 3.74 5.34
C PHE A 281 -16.54 2.71 5.62
N LEU A 282 -16.31 1.81 4.71
CA LEU A 282 -15.26 0.84 4.83
C LEU A 282 -14.02 1.37 4.16
N GLY A 283 -12.93 1.43 4.93
CA GLY A 283 -11.60 1.80 4.46
C GLY A 283 -10.57 0.86 5.06
N ALA A 284 -10.86 -0.41 5.18
CA ALA A 284 -9.96 -1.44 5.81
C ALA A 284 -9.01 -2.06 4.80
N GLY A 285 -8.97 -1.56 3.60
CA GLY A 285 -8.11 -2.00 2.54
C GLY A 285 -8.64 -3.15 1.72
N SER A 286 -7.98 -3.43 0.63
CA SER A 286 -8.35 -4.52 -0.23
C SER A 286 -8.63 -5.84 0.52
N LEU A 287 -7.75 -6.20 1.45
CA LEU A 287 -7.98 -7.42 2.24
C LEU A 287 -9.02 -7.22 3.30
N GLY A 288 -9.00 -6.09 4.00
CA GLY A 288 -9.79 -5.91 5.20
C GLY A 288 -11.23 -5.64 4.90
N SER A 289 -11.48 -4.78 3.93
CA SER A 289 -12.85 -4.51 3.56
C SER A 289 -13.50 -5.71 2.93
N THR A 290 -12.78 -6.38 2.03
CA THR A 290 -13.30 -7.55 1.37
C THR A 290 -13.64 -8.63 2.42
N GLU A 291 -12.81 -8.89 3.39
CA GLU A 291 -13.11 -9.91 4.40
C GLU A 291 -14.34 -9.58 5.18
N LEU A 292 -14.54 -8.34 5.55
CA LEU A 292 -15.71 -7.98 6.34
C LEU A 292 -16.97 -8.26 5.53
N LEU A 293 -16.94 -7.93 4.25
CA LEU A 293 -18.15 -8.03 3.43
C LEU A 293 -18.42 -9.50 3.09
N VAL A 294 -17.41 -10.28 2.72
CA VAL A 294 -17.63 -11.70 2.41
C VAL A 294 -18.16 -12.41 3.70
N ARG A 295 -17.63 -12.11 4.88
CA ARG A 295 -18.14 -12.66 6.14
C ARG A 295 -19.56 -12.26 6.32
N ALA A 296 -19.90 -11.01 6.15
CA ALA A 296 -21.25 -10.56 6.37
C ALA A 296 -22.22 -11.24 5.38
N ARG A 297 -21.86 -11.42 4.15
CA ARG A 297 -22.76 -12.08 3.18
C ARG A 297 -22.96 -13.55 3.61
N ASP A 298 -21.87 -14.27 3.83
CA ASP A 298 -21.93 -15.75 3.95
C ASP A 298 -22.31 -16.18 5.34
N THR A 299 -22.30 -15.32 6.35
CA THR A 299 -22.86 -15.63 7.65
C THR A 299 -24.25 -15.08 7.84
N GLY A 300 -24.78 -14.37 6.84
CA GLY A 300 -26.17 -13.98 6.93
C GLY A 300 -26.49 -12.66 7.59
N THR A 301 -25.49 -11.84 7.92
CA THR A 301 -25.70 -10.55 8.53
C THR A 301 -25.92 -9.43 7.53
N LEU A 302 -25.41 -9.59 6.31
CA LEU A 302 -25.76 -8.67 5.20
C LEU A 302 -26.10 -9.54 4.05
N PRO A 303 -27.25 -10.19 4.09
CA PRO A 303 -27.58 -11.17 3.08
C PRO A 303 -27.82 -10.72 1.65
N ASN A 304 -28.02 -9.42 1.45
CA ASN A 304 -28.33 -8.87 0.14
C ASN A 304 -27.07 -8.44 -0.64
N LEU A 305 -25.86 -8.68 -0.10
CA LEU A 305 -24.69 -8.46 -0.90
C LEU A 305 -24.62 -9.36 -2.10
N ASN A 306 -24.11 -8.87 -3.20
CA ASN A 306 -24.06 -9.60 -4.42
C ASN A 306 -22.88 -10.53 -4.60
N SER A 307 -22.90 -11.27 -5.69
CA SER A 307 -21.91 -12.31 -5.91
C SER A 307 -20.59 -11.76 -6.38
N GLU A 308 -20.52 -10.46 -6.66
CA GLU A 308 -19.27 -9.83 -7.07
C GLU A 308 -18.45 -9.45 -5.87
N VAL A 309 -19.01 -9.45 -4.67
CA VAL A 309 -18.20 -9.18 -3.44
C VAL A 309 -17.27 -10.36 -3.28
N GLY A 310 -15.98 -10.06 -3.18
CA GLY A 310 -14.90 -11.02 -3.16
C GLY A 310 -14.12 -11.23 -4.41
N ALA A 311 -14.70 -10.84 -5.56
CA ALA A 311 -14.12 -11.08 -6.85
C ALA A 311 -13.22 -10.02 -7.33
N GLY A 312 -12.43 -10.34 -8.36
CA GLY A 312 -11.61 -9.35 -9.02
C GLY A 312 -10.37 -8.85 -8.34
N TRP A 313 -9.78 -9.70 -7.54
CA TRP A 313 -8.57 -9.33 -6.85
C TRP A 313 -7.35 -9.55 -7.73
N GLY A 314 -6.39 -8.63 -7.65
CA GLY A 314 -5.12 -8.83 -8.31
C GLY A 314 -4.02 -8.12 -7.55
N PRO A 315 -2.78 -8.55 -7.73
CA PRO A 315 -1.67 -7.99 -6.99
C PRO A 315 -0.99 -6.84 -7.73
N ASN A 316 -1.69 -6.09 -8.59
CA ASN A 316 -1.10 -5.02 -9.37
C ASN A 316 0.08 -5.52 -10.20
N GLY A 317 0.07 -6.77 -10.63
CA GLY A 317 1.16 -7.31 -11.44
C GLY A 317 2.49 -7.23 -10.76
N ASN A 318 2.60 -7.26 -9.43
CA ASN A 318 3.89 -7.10 -8.73
C ASN A 318 4.82 -8.31 -8.88
N ILE A 319 5.98 -8.03 -9.44
CA ILE A 319 7.07 -8.99 -9.55
C ILE A 319 8.36 -8.30 -9.11
N MET A 320 9.20 -8.97 -8.32
CA MET A 320 10.53 -8.42 -7.95
C MET A 320 11.63 -9.24 -8.69
N THR A 321 12.62 -8.52 -9.15
CA THR A 321 13.77 -9.17 -9.80
C THR A 321 15.03 -8.38 -9.49
N ALA A 322 16.17 -8.93 -9.82
CA ALA A 322 17.45 -8.32 -9.51
C ALA A 322 18.46 -8.71 -10.61
N ARG A 323 19.32 -7.76 -10.88
CA ARG A 323 20.41 -7.91 -11.83
C ARG A 323 21.74 -7.78 -11.12
N ALA A 324 22.75 -8.56 -11.56
CA ALA A 324 24.11 -8.44 -11.04
C ALA A 324 24.85 -7.51 -11.97
N ASN A 325 25.42 -6.47 -11.40
CA ASN A 325 26.22 -5.51 -12.19
C ASN A 325 27.63 -6.00 -12.37
N HIS A 326 28.19 -5.57 -13.45
CA HIS A 326 29.66 -5.67 -13.59
C HIS A 326 30.40 -5.04 -12.42
N MET A 327 31.62 -5.52 -12.17
CA MET A 327 32.44 -4.99 -11.12
C MET A 327 32.72 -3.52 -11.27
N TRP A 328 32.80 -3.06 -12.50
CA TRP A 328 33.04 -1.64 -12.80
C TRP A 328 31.80 -0.75 -12.67
N ASN A 329 30.68 -1.39 -12.34
CA ASN A 329 29.45 -0.61 -12.06
C ASN A 329 28.87 -0.80 -10.66
N PRO A 330 29.64 -0.36 -9.62
CA PRO A 330 29.15 -0.46 -8.25
C PRO A 330 27.87 0.38 -8.09
N THR A 331 26.98 -0.07 -7.22
CA THR A 331 25.76 0.71 -6.94
C THR A 331 25.87 1.60 -5.71
N GLY A 332 26.93 1.41 -4.90
CA GLY A 332 27.20 2.23 -3.73
C GLY A 332 26.76 1.58 -2.45
N ALA A 333 27.51 1.80 -1.38
CA ALA A 333 27.18 1.31 -0.06
C ALA A 333 26.10 2.18 0.61
N HIS A 334 25.95 3.40 0.13
CA HIS A 334 24.96 4.29 0.72
C HIS A 334 23.85 4.55 -0.26
N GLN A 335 22.67 3.99 0.04
CA GLN A 335 21.52 4.08 -0.85
C GLN A 335 20.30 4.60 -0.07
N SER A 336 19.75 5.67 -0.59
CA SER A 336 18.54 6.25 0.01
C SER A 336 17.51 5.16 0.01
N SER A 337 16.67 5.16 1.07
CA SER A 337 15.60 4.18 1.18
C SER A 337 14.35 4.51 0.38
N ILE A 338 14.32 5.71 -0.16
CA ILE A 338 13.15 6.23 -0.90
C ILE A 338 13.50 6.21 -2.40
N PRO A 339 12.80 5.40 -3.20
CA PRO A 339 13.12 5.37 -4.64
C PRO A 339 12.78 6.70 -5.31
N ALA A 340 13.53 7.07 -6.33
CA ALA A 340 13.29 8.30 -7.05
C ALA A 340 13.05 8.12 -8.53
N LEU A 341 13.39 6.98 -9.09
CA LEU A 341 13.34 6.79 -10.54
C LEU A 341 12.57 5.52 -10.85
N GLY A 342 11.81 5.48 -11.95
CA GLY A 342 11.29 4.24 -12.49
C GLY A 342 11.63 4.10 -13.97
N ILE A 343 11.54 2.88 -14.49
CA ILE A 343 11.64 2.61 -15.92
C ILE A 343 10.20 2.52 -16.41
N ASP A 344 9.83 3.35 -17.36
CA ASP A 344 8.46 3.38 -17.89
C ASP A 344 8.45 2.73 -19.27
N ALA A 345 8.02 1.49 -19.31
CA ALA A 345 7.89 0.71 -20.56
C ALA A 345 6.43 0.24 -20.65
N TRP A 346 5.56 1.12 -20.21
CA TRP A 346 4.14 0.81 -20.15
C TRP A 346 3.46 1.46 -21.37
N ASP A 347 2.98 0.64 -22.28
CA ASP A 347 2.25 1.13 -23.47
C ASP A 347 0.86 0.51 -23.62
N ASN A 348 0.37 -0.10 -22.55
CA ASN A 348 -0.95 -0.69 -22.48
C ASN A 348 -1.06 -2.03 -23.18
N SER A 349 0.00 -2.45 -23.88
CA SER A 349 0.03 -3.78 -24.41
C SER A 349 0.34 -4.80 -23.33
N ASP A 350 0.16 -6.07 -23.66
CA ASP A 350 0.46 -7.17 -22.77
C ASP A 350 1.89 -7.21 -22.27
N SER A 351 2.79 -6.47 -22.90
CA SER A 351 4.18 -6.53 -22.52
C SER A 351 4.52 -5.34 -21.62
N SER A 352 3.53 -4.53 -21.26
CA SER A 352 3.80 -3.36 -20.43
C SER A 352 4.48 -3.69 -19.09
N VAL A 353 5.40 -2.80 -18.74
CA VAL A 353 6.02 -2.84 -17.42
C VAL A 353 6.30 -1.41 -17.02
N PHE A 354 6.04 -1.10 -15.73
CA PHE A 354 6.54 0.10 -15.13
C PHE A 354 7.38 -0.46 -13.99
N ALA A 355 8.68 -0.14 -13.87
CA ALA A 355 9.54 -0.78 -12.85
C ALA A 355 10.14 0.27 -11.96
N GLU A 356 9.91 0.12 -10.69
CA GLU A 356 10.53 0.93 -9.69
C GLU A 356 12.00 0.47 -9.52
N ILE A 357 12.95 1.42 -9.51
CA ILE A 357 14.37 1.13 -9.23
C ILE A 357 14.51 1.21 -7.71
N ALA A 358 14.60 0.06 -7.08
CA ALA A 358 14.56 -0.07 -5.62
C ALA A 358 15.95 -0.04 -5.03
N PRO A 359 16.08 0.58 -3.87
CA PRO A 359 17.37 0.48 -3.16
C PRO A 359 17.64 -0.82 -2.49
N MET A 360 18.91 -1.09 -2.20
CA MET A 360 19.37 -2.26 -1.42
C MET A 360 19.85 -1.74 -0.09
N PRO A 361 19.22 -2.18 1.01
CA PRO A 361 19.49 -1.68 2.37
C PRO A 361 20.74 -2.24 3.10
N ALA A 362 21.60 -2.92 2.40
CA ALA A 362 22.69 -3.67 3.02
C ALA A 362 23.79 -2.84 3.69
N GLY A 363 24.03 -1.63 3.21
CA GLY A 363 25.07 -0.78 3.75
C GLY A 363 26.48 -1.27 3.43
N LEU A 364 26.61 -2.04 2.36
CA LEU A 364 27.95 -2.42 1.85
C LEU A 364 27.70 -2.61 0.39
N GLU A 365 28.76 -2.66 -0.39
CA GLU A 365 28.62 -2.83 -1.83
C GLU A 365 28.21 -4.25 -2.12
N THR A 366 27.09 -4.39 -2.85
CA THR A 366 26.59 -5.72 -3.30
C THR A 366 26.63 -5.90 -4.81
N TRP A 367 26.76 -4.85 -5.56
CA TRP A 367 26.65 -4.84 -7.02
C TRP A 367 25.27 -5.19 -7.56
N VAL A 368 24.30 -5.30 -6.67
CA VAL A 368 22.94 -5.69 -7.11
C VAL A 368 22.08 -4.49 -7.45
N SER A 369 21.35 -4.56 -8.56
CA SER A 369 20.24 -3.65 -8.91
C SER A 369 18.94 -4.41 -8.73
N LEU A 370 18.06 -3.84 -7.85
CA LEU A 370 16.77 -4.46 -7.48
C LEU A 370 15.64 -3.66 -8.14
N TYR A 371 14.63 -4.40 -8.61
CA TYR A 371 13.46 -3.78 -9.27
C TYR A 371 12.15 -4.37 -8.76
N LEU A 372 11.18 -3.50 -8.57
CA LEU A 372 9.79 -3.92 -8.41
C LEU A 372 9.04 -3.54 -9.67
N ALA A 373 8.66 -4.57 -10.39
CA ALA A 373 7.96 -4.42 -11.63
C ALA A 373 6.45 -4.49 -11.40
N ILE A 374 5.78 -3.62 -12.11
CA ILE A 374 4.32 -3.57 -12.19
C ILE A 374 3.95 -3.91 -13.66
N THR A 375 3.11 -4.93 -13.83
CA THR A 375 2.85 -5.59 -15.12
C THR A 375 1.35 -5.61 -15.34
N LYS A 376 0.95 -5.98 -16.55
CA LYS A 376 -0.44 -6.04 -16.98
C LYS A 376 -0.71 -7.54 -17.16
N ASN A 377 -1.40 -8.13 -16.21
CA ASN A 377 -1.66 -9.54 -16.17
C ASN A 377 -3.14 -9.64 -15.88
N PRO A 378 -3.93 -10.16 -16.78
CA PRO A 378 -5.39 -10.23 -16.63
C PRO A 378 -5.89 -11.22 -15.59
N GLN A 379 -5.08 -12.13 -15.04
CA GLN A 379 -5.57 -13.08 -14.07
C GLN A 379 -6.06 -12.43 -12.81
N ARG A 380 -7.14 -12.99 -12.23
CA ARG A 380 -7.68 -12.47 -10.99
C ARG A 380 -7.90 -13.54 -10.07
N GLY A 381 -7.89 -13.22 -8.78
CA GLY A 381 -8.30 -14.15 -7.76
C GLY A 381 -9.60 -13.75 -7.10
N THR A 382 -10.09 -14.63 -6.23
CA THR A 382 -11.31 -14.47 -5.54
C THR A 382 -11.14 -14.70 -4.07
N PHE A 383 -11.65 -13.87 -3.18
CA PHE A 383 -11.80 -14.18 -1.79
C PHE A 383 -13.06 -15.00 -1.51
N VAL A 384 -12.91 -16.13 -0.79
CA VAL A 384 -14.08 -16.95 -0.43
C VAL A 384 -14.08 -17.04 1.11
N TYR A 385 -15.25 -17.14 1.65
CA TYR A 385 -15.37 -17.21 3.11
C TYR A 385 -15.17 -18.66 3.55
N ASP A 386 -14.36 -18.81 4.58
CA ASP A 386 -14.20 -20.15 5.24
C ASP A 386 -14.93 -20.12 6.55
N ALA A 387 -16.13 -20.71 6.61
CA ALA A 387 -16.88 -20.68 7.83
C ALA A 387 -16.24 -21.45 8.97
N ALA A 388 -15.37 -22.41 8.65
CA ALA A 388 -14.76 -23.18 9.77
C ALA A 388 -13.81 -22.30 10.59
N THR A 389 -12.90 -21.58 9.95
CA THR A 389 -11.99 -20.70 10.62
C THR A 389 -12.42 -19.22 10.75
N ASP A 390 -13.56 -18.89 10.12
CA ASP A 390 -14.08 -17.51 10.09
C ASP A 390 -13.13 -16.51 9.50
N ARG A 391 -12.54 -16.88 8.38
CA ARG A 391 -11.57 -16.05 7.69
C ARG A 391 -11.93 -16.08 6.21
N ALA A 392 -11.59 -15.01 5.50
CA ALA A 392 -11.62 -15.03 4.03
C ALA A 392 -10.33 -15.61 3.56
N LYS A 393 -10.39 -16.48 2.58
CA LYS A 393 -9.22 -17.15 2.03
C LYS A 393 -9.08 -16.67 0.59
N LEU A 394 -7.89 -16.43 0.11
CA LEU A 394 -7.67 -15.96 -1.26
C LEU A 394 -7.37 -17.12 -2.15
N ASN A 395 -8.20 -17.29 -3.16
CA ASN A 395 -8.04 -18.31 -4.16
C ASN A 395 -7.24 -17.68 -5.27
N TRP A 396 -5.97 -17.95 -5.22
CA TRP A 396 -4.97 -17.43 -6.16
C TRP A 396 -3.91 -18.52 -6.21
N THR A 397 -3.42 -18.91 -7.39
CA THR A 397 -2.29 -19.84 -7.49
C THR A 397 -1.11 -19.21 -8.21
N ARG A 398 0.09 -19.66 -7.87
CA ARG A 398 1.30 -19.08 -8.44
C ARG A 398 1.30 -19.07 -9.97
N ASP A 399 0.73 -20.10 -10.61
CA ASP A 399 0.71 -20.08 -12.06
C ASP A 399 -0.09 -18.92 -12.68
N GLN A 400 -1.00 -18.31 -11.89
CA GLN A 400 -1.73 -17.15 -12.37
C GLN A 400 -0.80 -15.92 -12.51
N ASN A 401 0.42 -15.99 -11.91
CA ASN A 401 1.40 -14.92 -12.11
C ASN A 401 2.33 -15.15 -13.29
N ALA A 402 2.19 -16.28 -13.98
CA ALA A 402 3.05 -16.49 -15.14
C ALA A 402 3.07 -15.34 -16.16
N PRO A 403 1.93 -14.78 -16.56
CA PRO A 403 1.96 -13.67 -17.47
C PRO A 403 2.80 -12.46 -16.97
N ALA A 404 2.74 -12.23 -15.66
CA ALA A 404 3.47 -11.14 -15.05
C ALA A 404 5.00 -11.45 -15.09
N VAL A 405 5.37 -12.65 -14.74
CA VAL A 405 6.77 -13.06 -14.81
C VAL A 405 7.26 -12.94 -16.26
N ASN A 406 6.46 -13.39 -17.22
CA ASN A 406 6.94 -13.33 -18.62
C ASN A 406 7.13 -11.91 -19.12
N ALA A 407 6.27 -11.00 -18.72
CA ALA A 407 6.39 -9.64 -19.13
C ALA A 407 7.66 -9.00 -18.51
N ALA A 408 7.84 -9.22 -17.23
CA ALA A 408 9.03 -8.73 -16.53
C ALA A 408 10.31 -9.29 -17.11
N LYS A 409 10.32 -10.60 -17.34
CA LYS A 409 11.48 -11.27 -17.93
C LYS A 409 11.79 -10.69 -19.30
N ALA A 410 10.79 -10.43 -20.14
CA ALA A 410 11.07 -9.89 -21.45
C ALA A 410 11.77 -8.55 -21.40
N LEU A 411 11.38 -7.67 -20.48
CA LEU A 411 11.97 -6.37 -20.32
C LEU A 411 13.40 -6.52 -19.80
N PHE A 412 13.63 -7.27 -18.75
CA PHE A 412 14.95 -7.34 -18.12
C PHE A 412 15.88 -8.15 -18.96
N ASP A 413 15.36 -9.08 -19.77
CA ASP A 413 16.27 -9.75 -20.70
C ASP A 413 16.82 -8.75 -21.68
N ARG A 414 16.03 -7.76 -22.11
CA ARG A 414 16.51 -6.78 -23.07
C ARG A 414 17.67 -6.00 -22.43
N ILE A 415 17.54 -5.62 -21.17
CA ILE A 415 18.53 -4.84 -20.47
C ILE A 415 19.78 -5.73 -20.27
N ASN A 416 19.62 -6.98 -19.89
CA ASN A 416 20.76 -7.94 -19.75
C ASN A 416 21.51 -8.08 -21.06
N LYS A 417 20.75 -8.22 -22.15
CA LYS A 417 21.41 -8.43 -23.47
C LYS A 417 22.18 -7.22 -23.88
N ALA A 418 21.65 -6.01 -23.74
CA ALA A 418 22.36 -4.79 -24.08
C ALA A 418 23.62 -4.53 -23.27
N ASN A 419 23.68 -5.07 -22.04
CA ASN A 419 24.75 -4.74 -21.13
C ASN A 419 25.65 -5.90 -20.79
N GLY A 420 25.32 -7.12 -21.23
CA GLY A 420 26.07 -8.31 -20.93
C GLY A 420 26.10 -8.72 -19.47
N THR A 421 24.98 -8.46 -18.81
CA THR A 421 24.82 -8.86 -17.40
C THR A 421 23.87 -10.06 -17.23
N ILE A 422 23.88 -10.64 -16.03
CA ILE A 422 23.00 -11.74 -15.70
C ILE A 422 22.13 -11.38 -14.49
N TYR A 423 21.11 -12.18 -14.27
CA TYR A 423 20.31 -12.05 -13.05
C TYR A 423 21.06 -12.58 -11.88
N ARG A 424 20.60 -12.16 -10.68
CA ARG A 424 20.85 -12.89 -9.50
C ARG A 424 19.70 -13.87 -9.33
N TYR A 425 20.01 -15.07 -8.88
CA TYR A 425 19.06 -16.14 -8.66
C TYR A 425 18.91 -16.53 -7.21
N ASP A 426 19.75 -15.95 -6.33
CA ASP A 426 19.84 -16.36 -4.95
C ASP A 426 19.29 -15.37 -3.93
N LEU A 427 18.53 -14.36 -4.35
CA LEU A 427 18.07 -13.34 -3.38
C LEU A 427 16.83 -13.63 -2.59
N PHE A 428 16.05 -14.59 -3.04
CA PHE A 428 14.64 -14.70 -2.53
C PHE A 428 14.39 -16.00 -1.74
N GLY A 429 15.47 -16.66 -1.36
CA GLY A 429 15.38 -17.91 -0.62
C GLY A 429 16.03 -19.12 -1.27
N THR A 430 15.50 -20.30 -0.92
CA THR A 430 16.11 -21.58 -1.28
C THR A 430 16.26 -21.83 -2.78
N GLN A 431 15.16 -21.81 -3.51
CA GLN A 431 15.18 -22.13 -4.92
C GLN A 431 16.00 -21.12 -5.69
N LEU A 432 16.62 -21.56 -6.79
CA LEU A 432 17.20 -20.66 -7.76
C LEU A 432 16.03 -19.97 -8.48
N LYS A 433 15.79 -18.72 -8.14
CA LYS A 433 14.60 -18.05 -8.60
C LYS A 433 15.01 -16.59 -8.88
N ALA A 434 14.90 -16.17 -10.12
CA ALA A 434 15.22 -14.79 -10.50
C ALA A 434 14.05 -13.80 -10.36
N PHE A 435 12.87 -14.34 -10.23
CA PHE A 435 11.65 -13.52 -10.20
C PHE A 435 10.81 -13.93 -9.04
N ALA A 436 10.54 -13.00 -8.13
CA ALA A 436 9.68 -13.27 -6.99
C ALA A 436 8.26 -13.03 -7.41
N ASP A 437 7.44 -14.07 -7.32
CA ASP A 437 6.11 -14.09 -7.91
C ASP A 437 5.02 -14.47 -6.96
N ASP A 438 5.32 -14.42 -5.67
CA ASP A 438 4.41 -14.84 -4.63
C ASP A 438 4.27 -13.92 -3.46
N PHE A 439 4.45 -12.63 -3.78
CA PHE A 439 4.28 -11.54 -2.83
C PHE A 439 3.45 -10.44 -3.52
N CYS A 440 2.90 -9.58 -2.68
CA CYS A 440 2.16 -8.39 -3.19
C CYS A 440 2.42 -7.25 -2.21
N TYR A 441 2.80 -6.07 -2.66
CA TYR A 441 2.75 -4.85 -1.86
C TYR A 441 1.55 -3.96 -2.18
N HIS A 442 0.90 -4.22 -3.33
CA HIS A 442 -0.18 -3.37 -3.87
C HIS A 442 -1.47 -4.22 -4.11
N PRO A 443 -2.12 -4.74 -3.07
CA PRO A 443 -3.33 -5.54 -3.28
C PRO A 443 -4.42 -4.65 -3.78
N LEU A 444 -5.14 -5.09 -4.82
CA LEU A 444 -6.18 -4.29 -5.38
C LEU A 444 -7.36 -5.16 -5.74
N GLY A 445 -8.54 -4.68 -5.41
CA GLY A 445 -9.73 -5.39 -5.75
C GLY A 445 -10.41 -6.17 -4.62
N GLY A 446 -11.48 -6.93 -4.93
CA GLY A 446 -12.31 -7.62 -3.98
C GLY A 446 -13.68 -7.00 -3.84
N CYS A 447 -13.82 -5.70 -4.12
CA CYS A 447 -15.13 -5.04 -3.99
C CYS A 447 -15.22 -4.00 -5.10
N VAL A 448 -15.08 -4.46 -6.35
CA VAL A 448 -14.77 -3.60 -7.49
C VAL A 448 -15.83 -2.59 -7.81
N LEU A 449 -15.42 -1.36 -8.02
CA LEU A 449 -16.31 -0.24 -8.41
C LEU A 449 -17.11 -0.54 -9.64
N GLY A 450 -18.43 -0.43 -9.51
CA GLY A 450 -19.32 -0.73 -10.64
C GLY A 450 -19.80 -2.16 -10.71
N LYS A 451 -19.20 -3.05 -9.93
CA LYS A 451 -19.56 -4.46 -9.90
C LYS A 451 -20.14 -4.83 -8.56
N ALA A 452 -19.42 -4.73 -7.49
CA ALA A 452 -19.90 -4.91 -6.16
C ALA A 452 -20.57 -3.71 -5.61
N THR A 453 -20.31 -2.55 -6.20
CA THR A 453 -20.82 -1.28 -5.75
C THR A 453 -21.32 -0.53 -6.98
N ASP A 454 -21.97 0.60 -6.76
CA ASP A 454 -22.23 1.51 -7.85
C ASP A 454 -21.01 2.30 -8.27
N ASP A 455 -21.13 3.28 -9.18
CA ASP A 455 -19.92 3.90 -9.69
C ASP A 455 -19.32 4.89 -8.71
N TYR A 456 -19.89 5.01 -7.49
CA TYR A 456 -19.34 5.91 -6.44
C TYR A 456 -19.05 5.15 -5.16
N GLY A 457 -18.99 3.83 -5.22
CA GLY A 457 -18.65 2.98 -4.09
C GLY A 457 -19.76 2.68 -3.14
N ARG A 458 -21.02 2.92 -3.52
CA ARG A 458 -22.17 2.53 -2.67
C ARG A 458 -22.41 1.03 -2.88
N VAL A 459 -22.29 0.23 -1.85
CA VAL A 459 -22.32 -1.19 -1.95
C VAL A 459 -23.73 -1.61 -2.42
N ALA A 460 -23.73 -2.47 -3.41
CA ALA A 460 -25.02 -2.93 -4.02
C ALA A 460 -25.81 -3.71 -2.98
N GLY A 461 -27.12 -3.41 -2.97
CA GLY A 461 -28.05 -4.07 -2.09
C GLY A 461 -28.43 -3.30 -0.86
N TYR A 462 -27.71 -2.23 -0.57
CA TYR A 462 -27.75 -1.51 0.69
C TYR A 462 -27.68 -0.01 0.44
N LYS A 463 -28.26 0.75 1.36
CA LYS A 463 -28.19 2.21 1.38
C LYS A 463 -27.25 2.62 2.49
N ASN A 464 -26.52 3.74 2.33
CA ASN A 464 -25.67 4.28 3.39
C ASN A 464 -24.48 3.41 3.83
N LEU A 465 -24.04 2.58 2.93
CA LEU A 465 -22.98 1.61 3.12
C LEU A 465 -22.03 1.80 1.97
N TYR A 466 -20.79 2.22 2.26
CA TYR A 466 -19.83 2.65 1.27
C TYR A 466 -18.46 2.00 1.44
N VAL A 467 -17.83 1.75 0.34
CA VAL A 467 -16.45 1.24 0.30
C VAL A 467 -15.60 2.33 -0.40
N THR A 468 -14.39 2.61 0.14
CA THR A 468 -13.63 3.80 -0.18
C THR A 468 -12.15 3.57 -0.63
N ASP A 469 -11.74 2.34 -0.63
CA ASP A 469 -10.38 1.99 -0.61
C ASP A 469 -9.84 1.17 -1.79
N GLY A 470 -8.67 0.53 -1.65
CA GLY A 470 -8.11 -0.20 -2.78
C GLY A 470 -8.98 -1.42 -3.18
N SER A 471 -9.95 -1.84 -2.40
CA SER A 471 -10.80 -2.95 -2.81
C SER A 471 -11.61 -2.54 -4.04
N LEU A 472 -11.78 -1.24 -4.32
CA LEU A 472 -12.62 -0.75 -5.43
C LEU A 472 -11.87 -0.92 -6.77
N ILE A 473 -10.55 -1.00 -6.79
CA ILE A 473 -9.83 -0.94 -8.04
C ILE A 473 -9.81 -2.35 -8.62
N PRO A 474 -9.98 -2.50 -9.95
CA PRO A 474 -10.09 -3.82 -10.60
C PRO A 474 -8.70 -4.44 -10.83
N GLY A 475 -7.96 -4.69 -9.75
CA GLY A 475 -6.80 -5.55 -9.78
C GLY A 475 -5.51 -4.98 -10.28
N SER A 476 -5.57 -3.83 -10.93
CA SER A 476 -4.42 -3.24 -11.64
C SER A 476 -4.60 -1.78 -11.86
N VAL A 477 -3.56 -0.98 -11.62
CA VAL A 477 -3.57 0.43 -12.09
C VAL A 477 -2.33 0.82 -12.93
N GLY A 478 -1.36 -0.09 -13.00
CA GLY A 478 -0.19 0.11 -13.85
C GLY A 478 0.90 0.96 -13.22
N VAL A 479 0.70 1.48 -12.00
CA VAL A 479 1.65 2.35 -11.30
C VAL A 479 1.41 2.04 -9.78
N ASN A 480 2.27 2.60 -8.94
CA ASN A 480 2.09 2.58 -7.52
C ASN A 480 0.69 3.18 -7.20
N PRO A 481 -0.16 2.48 -6.41
CA PRO A 481 -1.58 2.83 -6.44
C PRO A 481 -2.13 3.93 -5.48
N PHE A 482 -1.40 4.48 -4.49
CA PHE A 482 -2.08 5.24 -3.47
C PHE A 482 -2.63 6.56 -3.97
N VAL A 483 -2.07 7.20 -5.00
CA VAL A 483 -2.62 8.46 -5.48
C VAL A 483 -4.00 8.15 -6.13
N THR A 484 -4.08 7.06 -6.85
CA THR A 484 -5.40 6.66 -7.48
C THR A 484 -6.47 6.41 -6.42
N ILE A 485 -6.08 5.65 -5.37
CA ILE A 485 -7.03 5.42 -4.30
C ILE A 485 -7.54 6.73 -3.70
N THR A 486 -6.59 7.63 -3.38
CA THR A 486 -6.91 8.87 -2.79
C THR A 486 -7.87 9.69 -3.72
N ALA A 487 -7.52 9.80 -4.97
CA ALA A 487 -8.33 10.60 -5.94
C ALA A 487 -9.69 10.02 -6.15
N LEU A 488 -9.79 8.70 -6.22
CA LEU A 488 -11.10 8.04 -6.38
C LEU A 488 -11.90 8.30 -5.13
N ALA A 489 -11.32 8.25 -3.93
CA ALA A 489 -12.05 8.47 -2.72
C ALA A 489 -12.57 9.94 -2.71
N GLU A 490 -11.71 10.89 -3.12
CA GLU A 490 -12.16 12.29 -3.21
C GLU A 490 -13.40 12.42 -4.12
N ARG A 491 -13.34 11.80 -5.26
CA ARG A 491 -14.46 11.82 -6.18
C ARG A 491 -15.70 11.22 -5.56
N ASN A 492 -15.53 10.06 -4.93
CA ASN A 492 -16.68 9.38 -4.40
C ASN A 492 -17.32 10.02 -3.25
N VAL A 493 -16.56 10.45 -2.23
CA VAL A 493 -17.09 11.06 -1.04
C VAL A 493 -17.75 12.41 -1.37
N GLU A 494 -17.26 13.15 -2.36
CA GLU A 494 -17.89 14.43 -2.71
C GLU A 494 -19.31 14.17 -3.16
N ARG A 495 -19.45 13.17 -4.01
CA ARG A 495 -20.81 12.80 -4.51
C ARG A 495 -21.72 12.32 -3.40
N ILE A 496 -21.20 11.42 -2.56
CA ILE A 496 -21.96 10.80 -1.49
C ILE A 496 -22.40 11.84 -0.53
N ILE A 497 -21.54 12.79 -0.14
CA ILE A 497 -21.97 13.76 0.78
C ILE A 497 -23.02 14.69 0.14
N LYS A 498 -22.90 15.04 -1.11
CA LYS A 498 -23.91 15.90 -1.75
C LYS A 498 -25.24 15.21 -1.93
N GLN A 499 -25.24 13.92 -2.25
CA GLN A 499 -26.48 13.25 -2.64
C GLN A 499 -27.12 12.52 -1.50
N ASP A 500 -26.34 11.98 -0.55
CA ASP A 500 -26.89 11.07 0.43
C ASP A 500 -26.90 11.62 1.82
N VAL A 501 -25.96 12.48 2.17
CA VAL A 501 -25.80 12.86 3.57
C VAL A 501 -26.47 14.16 3.97
N THR A 502 -26.26 15.20 3.19
PA FAD B . -4.51 0.53 3.87
O1A FAD B . -3.56 1.66 3.75
O2A FAD B . -4.05 -0.81 3.84
O5B FAD B . -5.22 0.86 5.22
C5B FAD B . -6.28 0.01 5.84
C4B FAD B . -6.20 0.24 7.32
O4B FAD B . -7.40 -0.42 7.82
C3B FAD B . -4.99 -0.27 8.17
O3B FAD B . -4.51 0.76 8.97
C2B FAD B . -5.65 -1.43 8.83
O2B FAD B . -4.99 -1.82 10.05
C1B FAD B . -7.05 -1.09 9.07
N9A FAD B . -7.94 -2.25 9.23
C8A FAD B . -8.07 -3.32 8.44
N7A FAD B . -9.00 -4.12 8.86
C5A FAD B . -9.60 -3.58 9.96
C6A FAD B . -10.60 -3.86 10.82
N6A FAD B . -11.33 -5.01 10.69
N1A FAD B . -10.89 -3.07 11.80
C2A FAD B . -10.23 -1.90 11.97
N3A FAD B . -9.22 -1.50 11.19
C4A FAD B . -8.97 -2.35 10.19
N1 FAD B . 1.81 2.46 -2.88
C2 FAD B . 2.13 3.54 -3.62
O2 FAD B . 1.42 4.18 -4.34
N3 FAD B . 3.47 4.05 -3.42
C4 FAD B . 4.55 3.40 -2.82
O4 FAD B . 5.72 3.82 -2.70
C4X FAD B . 4.15 2.18 -2.19
N5 FAD B . 5.03 1.36 -1.53
C5X FAD B . 4.68 0.27 -0.78
C6 FAD B . 5.61 -0.48 -0.09
C7 FAD B . 5.23 -1.47 0.79
C7M FAD B . 6.34 -2.16 1.57
C8 FAD B . 3.82 -1.63 0.97
C8M FAD B . 3.48 -2.68 1.96
C9 FAD B . 2.84 -0.90 0.26
C9A FAD B . 3.34 0.06 -0.59
N10 FAD B . 2.32 0.72 -1.38
C10 FAD B . 2.72 1.76 -2.14
C1' FAD B . 0.85 0.37 -1.39
C2' FAD B . 0.08 1.30 -0.59
O2' FAD B . 0.60 1.43 0.71
C3' FAD B . -1.34 0.78 -0.46
O3' FAD B . -1.81 0.62 -1.85
C4' FAD B . -2.35 1.67 0.27
O4' FAD B . -1.82 1.84 1.60
C5' FAD B . -3.79 1.13 0.31
O5' FAD B . -4.63 2.02 0.94
P FAD B . -6.02 1.57 1.51
O1P FAD B . -6.64 2.79 1.95
O2P FAD B . -6.73 0.68 0.58
O3P FAD B . -5.63 0.62 2.74
H51A FAD B . -5.71 -0.77 5.64
H52A FAD B . -7.25 -0.08 5.82
H4B FAD B . -5.94 1.06 7.80
H3B FAD B . -4.33 -0.54 7.50
HO3A FAD B . -3.90 0.26 9.39
DO3A FAD B . -3.88 0.30 9.41
H2B FAD B . -5.27 -2.07 8.20
HO2A FAD B . -4.21 -1.45 10.04
DO2A FAD B . -4.24 -1.45 10.03
H1B FAD B . -7.19 -0.54 9.88
H8A FAD B . -7.50 -3.52 7.67
H61A FAD B . -12.11 -5.32 11.05
D61A FAD B . -11.89 -5.48 11.24
H62A FAD B . -10.76 -5.39 10.10
D62A FAD B . -11.06 -5.16 9.84
H2A FAD B . -10.48 -1.32 12.73
HN3 FAD B . 3.63 4.90 -3.75
DN3 FAD B . 3.63 4.90 -3.75
H6 FAD B . 6.57 -0.31 -0.23
HM71 FAD B . 6.43 -1.73 2.43
HM72 FAD B . 6.90 -2.14 0.77
HM73 FAD B . 6.16 -3.13 1.69
HM81 FAD B . 3.41 -3.61 1.63
HM82 FAD B . 2.52 -2.46 2.09
HM83 FAD B . 3.55 -3.06 2.88
H9 FAD B . 1.89 -1.06 0.37
H1'1 FAD B . 0.63 -0.54 -1.10
H1'2 FAD B . 0.49 0.18 -2.28
H2' FAD B . -0.07 2.25 -0.81
HO2' FAD B . -0.18 1.74 1.01
DO2' FAD B . -0.20 1.75 0.99
H3' FAD B . -1.50 -0.17 -0.29
HO3' FAD B . -2.36 0.02 -2.24
DO3' FAD B . -2.42 0.04 -2.18
H4' FAD B . -1.98 2.55 0.09
HO4' FAD B . -2.23 1.62 2.37
DO4' FAD B . -2.23 1.59 2.34
H5'1 FAD B . -4.08 0.97 -0.62
H5'2 FAD B . -3.84 0.23 0.68
#